data_5R5F
#
_entry.id   5R5F
#
_cell.length_a   49.450
_cell.length_b   52.170
_cell.length_c   101.610
_cell.angle_alpha   90.000
_cell.angle_beta   90.000
_cell.angle_gamma   90.000
#
_symmetry.space_group_name_H-M   'P 21 21 21'
#
loop_
_entity.id
_entity.type
_entity.pdbx_description
1 polymer 'Uridine diphosphate glucose pyrophosphatase NUDT22'
2 non-polymer ~{N}-[2-(4-fluorophenyl)ethyl]furan-2-carboxamide
3 non-polymer 'DIMETHYL SULFOXIDE'
4 water water
#
_entity_poly.entity_id   1
_entity_poly.type   'polypeptide(L)'
_entity_poly.pdbx_seq_one_letter_code
;SMDPEVTLLLQCPGGGLPQEQIQAELSPAHDRRPLPGGDEAITAIWETRLKAQPWLFDAPKFRLHSATLAPIGSRGPQLL
LRLGLTSYRDFLGTNWSSSAAWLRQQGATDWGDTQAYLADPLGVGAALATADDFLVFLRRSRQVAEAPGLVDVPGGHPEP
QALCPGGSPQHQDLAGQLVVHELFSSVLQEICDEVNLPLLTLSQPLLLGIARNETSAGRASAEFYVQCSLTSEQVRKHYL
SGGPEAHESTGIFFVETQNVRRLPETEMWAELCPSAKGAIILYNRVQGSPTGAALGSPALLPPL
;
_entity_poly.pdbx_strand_id   A
#
# COMPACT_ATOMS: atom_id res chain seq x y z
N ASP A 3 -1.97 -8.71 -15.59
N ASP A 3 -1.54 -9.21 -15.17
CA ASP A 3 -1.91 -7.42 -14.88
CA ASP A 3 -1.79 -7.76 -15.00
C ASP A 3 -0.47 -6.96 -14.76
C ASP A 3 -0.45 -7.05 -14.79
N PRO A 4 0.15 -6.48 -15.86
CA PRO A 4 1.56 -6.07 -15.81
C PRO A 4 1.83 -4.89 -14.89
N GLU A 5 0.83 -4.11 -14.46
CA GLU A 5 1.13 -2.89 -13.70
C GLU A 5 1.29 -3.20 -12.21
N VAL A 6 1.06 -4.44 -11.76
CA VAL A 6 1.30 -4.81 -10.33
C VAL A 6 2.00 -6.19 -10.22
N THR A 7 3.01 -6.29 -9.34
CA THR A 7 3.73 -7.55 -9.02
C THR A 7 3.67 -7.80 -7.51
N LEU A 8 3.48 -9.05 -7.08
CA LEU A 8 3.46 -9.40 -5.63
C LEU A 8 4.90 -9.62 -5.19
N LEU A 9 5.38 -8.89 -4.20
CA LEU A 9 6.72 -9.13 -3.59
C LEU A 9 6.60 -10.15 -2.44
N LEU A 10 5.49 -10.16 -1.71
CA LEU A 10 5.29 -11.00 -0.49
C LEU A 10 3.81 -11.38 -0.40
N GLN A 11 3.50 -12.66 -0.18
CA GLN A 11 2.17 -13.17 0.27
C GLN A 11 2.33 -13.73 1.70
N CYS A 12 1.65 -13.19 2.69
CA CYS A 12 1.76 -13.61 4.11
C CYS A 12 1.04 -14.92 4.31
N PRO A 13 1.57 -15.76 5.21
CA PRO A 13 0.90 -16.98 5.61
C PRO A 13 -0.10 -16.80 6.76
N GLY A 14 -0.82 -17.88 7.03
CA GLY A 14 -1.75 -17.99 8.18
C GLY A 14 -2.92 -17.02 8.08
N GLY A 15 -3.30 -16.54 6.89
CA GLY A 15 -4.41 -15.60 6.70
C GLY A 15 -3.99 -14.16 6.97
N GLY A 16 -2.71 -13.92 7.23
CA GLY A 16 -2.13 -12.59 7.42
C GLY A 16 -1.42 -12.50 8.75
N LEU A 17 -0.41 -11.64 8.85
CA LEU A 17 0.43 -11.54 10.07
C LEU A 17 0.01 -10.36 10.97
N PRO A 18 -0.13 -10.59 12.30
CA PRO A 18 -0.32 -9.50 13.26
C PRO A 18 1.01 -8.79 13.53
N GLN A 19 0.92 -7.58 14.10
CA GLN A 19 2.05 -6.71 14.47
C GLN A 19 3.14 -7.48 15.25
N GLU A 20 2.74 -8.33 16.21
CA GLU A 20 3.68 -8.98 17.18
C GLU A 20 4.55 -10.02 16.48
N GLN A 21 4.24 -10.39 15.23
CA GLN A 21 5.01 -11.41 14.48
C GLN A 21 5.94 -10.77 13.45
N ILE A 22 6.12 -9.45 13.45
CA ILE A 22 6.93 -8.76 12.40
C ILE A 22 8.09 -8.01 13.08
N GLN A 23 9.29 -8.19 12.54
CA GLN A 23 10.52 -7.44 12.93
C GLN A 23 10.85 -6.43 11.83
N ALA A 24 11.36 -5.24 12.18
CA ALA A 24 11.92 -4.30 11.17
C ALA A 24 13.41 -4.09 11.49
N GLU A 25 14.22 -3.96 10.44
CA GLU A 25 15.62 -3.49 10.54
C GLU A 25 15.68 -2.17 9.77
N LEU A 26 15.78 -1.05 10.49
CA LEU A 26 15.86 0.31 9.90
C LEU A 26 17.34 0.73 9.93
N SER A 27 17.95 0.86 8.77
CA SER A 27 19.42 0.96 8.56
C SER A 27 19.74 1.81 7.33
N PRO A 28 20.75 2.72 7.43
CA PRO A 28 21.24 3.45 6.24
C PRO A 28 21.82 2.54 5.13
N ALA A 29 22.12 1.28 5.41
CA ALA A 29 22.47 0.27 4.35
C ALA A 29 21.29 0.03 3.39
N HIS A 30 20.05 0.34 3.82
CA HIS A 30 18.78 0.10 3.08
C HIS A 30 18.35 1.36 2.31
N ASP A 31 19.17 2.41 2.31
CA ASP A 31 18.85 3.69 1.61
C ASP A 31 19.07 3.56 0.11
N ARG A 32 18.49 4.49 -0.65
CA ARG A 32 18.79 4.72 -2.09
C ARG A 32 20.29 5.00 -2.23
N ARG A 33 20.88 4.52 -3.30
CA ARG A 33 22.28 4.84 -3.68
C ARG A 33 22.27 6.23 -4.34
N PRO A 34 23.32 7.05 -4.11
CA PRO A 34 23.49 8.33 -4.82
C PRO A 34 23.43 8.12 -6.34
N LEU A 35 22.83 9.02 -7.12
CA LEU A 35 22.67 8.85 -8.60
C LEU A 35 24.06 8.88 -9.24
N PRO A 36 24.28 8.15 -10.36
CA PRO A 36 25.58 8.09 -11.03
C PRO A 36 26.23 9.46 -11.31
N GLY A 37 25.43 10.43 -11.77
CA GLY A 37 25.92 11.79 -12.09
C GLY A 37 25.73 12.75 -10.92
N GLY A 38 25.30 12.25 -9.76
CA GLY A 38 25.13 13.04 -8.53
C GLY A 38 23.66 13.38 -8.27
N ASP A 39 23.31 13.58 -7.00
CA ASP A 39 21.93 13.92 -6.56
C ASP A 39 21.53 15.37 -6.94
N GLU A 40 22.41 16.14 -7.60
CA GLU A 40 22.07 17.47 -8.18
C GLU A 40 20.86 17.41 -9.13
N ALA A 41 20.67 16.32 -9.87
CA ALA A 41 19.52 16.13 -10.78
C ALA A 41 18.20 16.16 -9.97
N ILE A 42 18.21 15.65 -8.74
CA ILE A 42 16.99 15.62 -7.86
C ILE A 42 16.72 17.05 -7.37
N THR A 43 17.75 17.73 -6.89
CA THR A 43 17.71 19.13 -6.40
C THR A 43 17.14 20.03 -7.51
N ALA A 44 17.58 19.83 -8.76
CA ALA A 44 17.16 20.65 -9.93
C ALA A 44 15.65 20.47 -10.24
N ILE A 45 15.14 19.23 -10.23
CA ILE A 45 13.69 18.94 -10.46
C ILE A 45 12.88 19.62 -9.33
N TRP A 46 13.37 19.54 -8.09
CA TRP A 46 12.67 20.07 -6.89
C TRP A 46 12.59 21.61 -6.98
N GLU A 47 13.70 22.25 -7.35
CA GLU A 47 13.76 23.72 -7.56
C GLU A 47 12.74 24.16 -8.59
N THR A 48 12.71 23.49 -9.76
CA THR A 48 11.78 23.80 -10.87
C THR A 48 10.35 23.72 -10.34
N ARG A 49 10.07 22.66 -9.57
CA ARG A 49 8.71 22.39 -9.06
C ARG A 49 8.31 23.49 -8.05
N LEU A 50 9.15 23.82 -7.08
CA LEU A 50 8.85 24.88 -6.06
C LEU A 50 8.69 26.24 -6.72
N LYS A 51 9.40 26.50 -7.82
CA LYS A 51 9.27 27.82 -8.49
C LYS A 51 7.91 27.95 -9.22
N ALA A 52 7.17 26.86 -9.45
CA ALA A 52 5.78 26.88 -10.00
C ALA A 52 4.75 26.73 -8.88
N GLN A 53 5.07 25.95 -7.85
CA GLN A 53 4.14 25.66 -6.73
C GLN A 53 4.88 25.85 -5.41
N PRO A 54 5.12 27.10 -4.95
CA PRO A 54 5.98 27.33 -3.80
C PRO A 54 5.39 26.92 -2.44
N TRP A 55 4.11 26.52 -2.40
CA TRP A 55 3.42 25.97 -1.19
C TRP A 55 3.72 24.49 -0.97
N LEU A 56 4.37 23.80 -1.91
CA LEU A 56 4.75 22.37 -1.71
C LEU A 56 5.76 22.24 -0.58
N PHE A 57 5.73 21.12 0.14
CA PHE A 57 6.74 20.85 1.20
C PHE A 57 7.20 19.40 1.10
N ASP A 58 8.45 19.19 1.47
CA ASP A 58 9.11 17.87 1.56
C ASP A 58 8.57 17.18 2.84
N ALA A 59 8.72 15.86 2.91
CA ALA A 59 8.46 15.08 4.12
C ALA A 59 9.28 13.79 4.02
N PRO A 60 9.79 13.28 5.16
CA PRO A 60 10.49 11.99 5.16
C PRO A 60 9.46 10.85 4.98
N LYS A 61 9.96 9.74 4.47
CA LYS A 61 9.19 8.54 4.17
C LYS A 61 10.06 7.34 4.55
N PHE A 62 9.45 6.20 4.82
CA PHE A 62 10.19 4.92 4.87
C PHE A 62 10.47 4.43 3.44
N ARG A 63 11.64 3.82 3.24
CA ARG A 63 12.02 3.14 1.99
C ARG A 63 11.98 1.62 2.21
N LEU A 64 11.31 0.85 1.36
CA LEU A 64 11.37 -0.63 1.36
C LEU A 64 12.60 -1.09 0.58
N HIS A 65 13.54 -1.77 1.25
CA HIS A 65 14.67 -2.46 0.57
C HIS A 65 14.24 -3.89 0.18
N SER A 66 13.72 -4.66 1.14
CA SER A 66 13.38 -6.09 0.96
C SER A 66 12.59 -6.60 2.16
N ALA A 67 11.98 -7.78 2.05
CA ALA A 67 11.13 -8.40 3.09
C ALA A 67 11.31 -9.91 3.02
N THR A 68 11.85 -10.53 4.09
CA THR A 68 12.16 -11.99 4.09
C THR A 68 11.20 -12.72 5.03
N LEU A 69 10.46 -13.70 4.50
CA LEU A 69 9.56 -14.53 5.32
C LEU A 69 10.34 -15.70 5.93
N ALA A 70 10.02 -16.04 7.18
CA ALA A 70 10.56 -17.23 7.86
C ALA A 70 10.06 -18.50 7.15
N PRO A 71 10.67 -19.68 7.38
CA PRO A 71 10.09 -20.96 6.95
C PRO A 71 8.66 -21.12 7.49
N ILE A 72 7.70 -21.51 6.65
CA ILE A 72 6.27 -21.59 7.07
C ILE A 72 6.15 -22.62 8.22
N GLY A 73 5.23 -22.31 9.12
CA GLY A 73 4.89 -23.16 10.27
C GLY A 73 5.84 -23.00 11.44
N SER A 74 6.83 -22.11 11.35
CA SER A 74 7.86 -21.93 12.39
C SER A 74 7.30 -21.10 13.56
N ARG A 75 7.97 -21.24 14.70
CA ARG A 75 7.76 -20.41 15.92
C ARG A 75 8.61 -19.15 15.78
N GLY A 76 8.32 -18.14 16.59
CA GLY A 76 9.08 -16.89 16.59
C GLY A 76 8.62 -15.96 15.48
N PRO A 77 9.33 -14.82 15.31
CA PRO A 77 9.03 -13.84 14.27
C PRO A 77 9.00 -14.41 12.85
N GLN A 78 7.98 -14.01 12.10
CA GLN A 78 7.62 -14.65 10.80
C GLN A 78 8.09 -13.79 9.63
N LEU A 79 8.34 -12.49 9.84
CA LEU A 79 8.75 -11.58 8.74
C LEU A 79 9.84 -10.64 9.23
N LEU A 80 10.85 -10.41 8.41
CA LEU A 80 11.84 -9.32 8.58
C LEU A 80 11.64 -8.30 7.46
N LEU A 81 11.30 -7.06 7.81
CA LEU A 81 11.26 -5.92 6.86
C LEU A 81 12.59 -5.19 6.96
N ARG A 82 13.30 -5.03 5.84
CA ARG A 82 14.50 -4.19 5.76
C ARG A 82 14.11 -2.83 5.17
N LEU A 83 14.26 -1.78 5.97
CA LEU A 83 13.76 -0.42 5.68
C LEU A 83 14.93 0.57 5.76
N GLY A 84 14.93 1.55 4.85
CA GLY A 84 15.76 2.75 4.93
C GLY A 84 14.89 3.99 5.03
N LEU A 85 15.47 5.15 4.76
CA LEU A 85 14.71 6.43 4.78
C LEU A 85 14.84 7.06 3.39
N THR A 86 13.76 7.69 2.94
CA THR A 86 13.70 8.48 1.68
C THR A 86 12.87 9.74 1.97
N SER A 87 12.33 10.36 0.93
CA SER A 87 11.59 11.64 1.07
C SER A 87 10.70 11.80 -0.14
N TYR A 88 9.70 12.67 -0.02
CA TYR A 88 8.81 13.10 -1.12
C TYR A 88 9.64 13.68 -2.27
N ARG A 89 10.60 14.55 -1.93
CA ARG A 89 11.53 15.20 -2.92
C ARG A 89 12.29 14.13 -3.73
N ASP A 90 12.85 13.11 -3.05
CA ASP A 90 13.62 12.03 -3.71
C ASP A 90 12.69 11.23 -4.63
N PHE A 91 11.46 10.97 -4.18
CA PHE A 91 10.39 10.33 -4.99
C PHE A 91 10.19 11.12 -6.29
N LEU A 92 10.00 12.44 -6.21
CA LEU A 92 9.65 13.26 -7.41
C LEU A 92 10.84 13.24 -8.39
N GLY A 93 12.06 13.16 -7.87
CA GLY A 93 13.28 13.16 -8.69
C GLY A 93 13.69 11.80 -9.25
N THR A 94 13.05 10.69 -8.84
CA THR A 94 13.47 9.32 -9.27
C THR A 94 12.27 8.54 -9.82
N ASN A 95 11.44 7.94 -8.97
CA ASN A 95 10.26 7.16 -9.41
C ASN A 95 9.36 7.94 -10.39
N TRP A 96 9.18 9.24 -10.14
CA TRP A 96 8.25 10.12 -10.91
C TRP A 96 9.00 10.89 -12.01
N SER A 97 10.30 10.65 -12.17
CA SER A 97 11.10 11.23 -13.29
C SER A 97 10.67 10.58 -14.63
N SER A 98 10.75 11.34 -15.73
CA SER A 98 10.52 10.80 -17.10
C SER A 98 11.59 9.73 -17.40
N SER A 99 12.76 9.84 -16.76
N SER A 99 12.77 9.85 -16.78
CA SER A 99 13.94 8.96 -16.96
CA SER A 99 13.94 8.94 -17.00
C SER A 99 13.94 7.78 -15.98
C SER A 99 13.95 7.80 -15.96
N ALA A 100 12.85 7.52 -15.26
CA ALA A 100 12.81 6.45 -14.22
C ALA A 100 13.26 5.08 -14.81
N ALA A 101 12.86 4.73 -16.05
CA ALA A 101 13.26 3.42 -16.64
C ALA A 101 14.78 3.38 -16.87
N TRP A 102 15.42 4.50 -17.21
CA TRP A 102 16.88 4.59 -17.39
C TRP A 102 17.59 4.36 -16.05
N LEU A 103 17.04 4.88 -14.95
CA LEU A 103 17.58 4.67 -13.58
C LEU A 103 17.49 3.19 -13.21
N ARG A 104 16.41 2.52 -13.58
CA ARG A 104 16.23 1.06 -13.31
C ARG A 104 17.30 0.24 -14.06
N GLN A 105 17.55 0.54 -15.33
CA GLN A 105 18.58 -0.16 -16.15
C GLN A 105 19.99 0.06 -15.54
N GLN A 106 20.30 1.31 -15.16
N GLN A 106 20.29 1.30 -15.14
CA GLN A 106 21.62 1.66 -14.57
CA GLN A 106 21.59 1.69 -14.56
C GLN A 106 21.78 0.93 -13.23
C GLN A 106 21.78 0.99 -13.21
N GLY A 107 20.69 0.81 -12.45
CA GLY A 107 20.74 0.10 -11.17
C GLY A 107 21.05 -1.40 -11.39
N ALA A 108 20.43 -2.02 -12.38
CA ALA A 108 20.73 -3.40 -12.82
C ALA A 108 22.22 -3.55 -13.16
N THR A 109 22.76 -2.64 -13.97
CA THR A 109 24.17 -2.62 -14.43
C THR A 109 25.13 -2.47 -13.26
N ASP A 110 24.95 -1.44 -12.43
CA ASP A 110 25.93 -1.00 -11.41
C ASP A 110 25.84 -1.86 -10.13
N TRP A 111 24.63 -2.23 -9.68
CA TRP A 111 24.39 -2.84 -8.36
C TRP A 111 23.68 -4.20 -8.47
N GLY A 112 23.37 -4.70 -9.66
CA GLY A 112 22.47 -5.87 -9.84
C GLY A 112 21.14 -5.70 -9.12
N ASP A 113 20.55 -4.50 -9.16
CA ASP A 113 19.34 -4.13 -8.38
C ASP A 113 18.60 -3.01 -9.13
N THR A 114 17.50 -3.34 -9.80
CA THR A 114 16.69 -2.38 -10.62
C THR A 114 16.21 -1.21 -9.75
N GLN A 115 16.11 -1.37 -8.44
CA GLN A 115 15.61 -0.29 -7.54
C GLN A 115 16.74 0.56 -6.90
N ALA A 116 18.04 0.30 -7.13
CA ALA A 116 19.14 0.86 -6.30
C ALA A 116 19.12 2.41 -6.31
N TYR A 117 18.76 3.00 -7.46
CA TYR A 117 18.73 4.47 -7.69
C TYR A 117 17.31 5.04 -7.48
N LEU A 118 16.35 4.26 -6.93
CA LEU A 118 14.93 4.73 -6.80
C LEU A 118 14.61 5.01 -5.33
N ALA A 119 13.95 6.13 -5.06
CA ALA A 119 13.44 6.46 -3.71
C ALA A 119 12.61 5.31 -3.11
N ASP A 120 11.63 4.79 -3.83
CA ASP A 120 10.78 3.64 -3.42
C ASP A 120 10.18 3.87 -2.03
N PRO A 121 9.52 5.03 -1.79
CA PRO A 121 8.76 5.19 -0.52
C PRO A 121 7.71 4.11 -0.29
N LEU A 122 7.58 3.61 0.94
CA LEU A 122 6.62 2.54 1.31
C LEU A 122 5.22 3.14 1.54
N GLY A 123 4.24 2.66 0.76
CA GLY A 123 2.82 2.94 0.98
C GLY A 123 2.16 1.95 1.93
N VAL A 124 1.00 2.31 2.48
CA VAL A 124 0.07 1.34 3.15
C VAL A 124 -1.31 1.44 2.48
N GLY A 125 -2.02 0.31 2.38
CA GLY A 125 -3.41 0.28 1.91
C GLY A 125 -4.21 -0.73 2.70
N ALA A 126 -5.54 -0.64 2.68
CA ALA A 126 -6.38 -1.62 3.40
C ALA A 126 -7.49 -2.16 2.51
N ALA A 127 -7.67 -3.48 2.56
CA ALA A 127 -8.95 -4.19 2.35
C ALA A 127 -9.79 -4.02 3.62
N LEU A 128 -10.72 -3.07 3.59
CA LEU A 128 -11.54 -2.69 4.76
C LEU A 128 -12.93 -3.33 4.60
N ALA A 129 -13.27 -4.27 5.49
CA ALA A 129 -14.53 -5.07 5.41
C ALA A 129 -15.55 -4.47 6.40
N THR A 130 -16.82 -4.41 6.02
CA THR A 130 -17.92 -3.94 6.90
C THR A 130 -18.54 -5.12 7.67
N ALA A 131 -19.42 -4.83 8.63
CA ALA A 131 -20.07 -5.86 9.49
C ALA A 131 -21.03 -6.71 8.62
N ASP A 132 -21.53 -6.15 7.51
CA ASP A 132 -22.45 -6.81 6.55
C ASP A 132 -21.75 -7.36 5.29
N ASP A 133 -20.41 -7.52 5.38
N ASP A 133 -20.42 -7.51 5.34
CA ASP A 133 -19.54 -8.28 4.44
CA ASP A 133 -19.65 -8.34 4.37
C ASP A 133 -19.49 -7.58 3.07
C ASP A 133 -19.45 -7.59 3.04
N PHE A 134 -19.05 -6.32 3.08
CA PHE A 134 -18.65 -5.55 1.86
C PHE A 134 -17.21 -5.08 2.09
N LEU A 135 -16.44 -4.92 1.03
CA LEU A 135 -15.20 -4.09 1.01
C LEU A 135 -15.50 -2.66 0.55
N VAL A 136 -14.71 -1.73 1.08
CA VAL A 136 -14.84 -0.27 0.86
C VAL A 136 -13.93 0.21 -0.25
N PHE A 137 -14.47 0.98 -1.20
CA PHE A 137 -13.73 1.60 -2.33
C PHE A 137 -13.98 3.13 -2.36
N LEU A 138 -13.01 3.86 -2.88
CA LEU A 138 -13.00 5.35 -2.93
C LEU A 138 -12.69 5.80 -4.35
N ARG A 139 -13.32 6.88 -4.80
CA ARG A 139 -13.05 7.41 -6.18
C ARG A 139 -12.04 8.53 -6.07
N ARG A 140 -10.97 8.49 -6.88
CA ARG A 140 -9.89 9.52 -6.89
C ARG A 140 -10.39 10.73 -7.69
N SER A 141 -10.10 11.93 -7.21
CA SER A 141 -10.21 13.20 -7.98
C SER A 141 -9.55 13.07 -9.36
N ARG A 142 -10.02 13.86 -10.33
CA ARG A 142 -9.47 13.93 -11.72
C ARG A 142 -8.33 14.97 -11.79
N GLN A 143 -7.86 15.49 -10.65
CA GLN A 143 -6.83 16.56 -10.56
C GLN A 143 -5.47 16.03 -10.05
N VAL A 144 -5.40 14.76 -9.62
CA VAL A 144 -4.16 14.15 -9.05
C VAL A 144 -3.21 13.76 -10.19
N ALA A 145 -1.90 13.74 -9.91
CA ALA A 145 -0.81 13.47 -10.88
C ALA A 145 -0.93 12.05 -11.43
N GLU A 146 -1.08 11.06 -10.53
CA GLU A 146 -1.05 9.61 -10.87
C GLU A 146 -2.46 9.02 -10.72
N ALA A 147 -2.88 8.20 -11.68
CA ALA A 147 -4.14 7.42 -11.66
C ALA A 147 -5.34 8.33 -11.43
N PRO A 148 -5.47 9.46 -12.17
CA PRO A 148 -6.53 10.43 -11.88
C PRO A 148 -7.91 9.85 -12.19
N GLY A 149 -8.91 10.09 -11.34
CA GLY A 149 -10.26 9.55 -11.61
C GLY A 149 -10.35 8.03 -11.51
N LEU A 150 -9.34 7.34 -10.97
CA LEU A 150 -9.41 5.86 -10.83
C LEU A 150 -9.98 5.48 -9.46
N VAL A 151 -10.37 4.22 -9.31
CA VAL A 151 -10.84 3.67 -8.00
C VAL A 151 -9.63 3.33 -7.11
N ASP A 152 -9.70 3.67 -5.82
CA ASP A 152 -8.65 3.32 -4.83
C ASP A 152 -9.26 2.60 -3.62
N VAL A 153 -8.41 2.15 -2.69
CA VAL A 153 -8.81 1.69 -1.33
C VAL A 153 -8.22 2.70 -0.36
N PRO A 154 -8.64 2.71 0.93
CA PRO A 154 -8.03 3.60 1.92
C PRO A 154 -6.52 3.36 2.11
N GLY A 155 -5.77 4.42 2.36
CA GLY A 155 -4.33 4.24 2.61
C GLY A 155 -3.59 5.54 2.48
N GLY A 156 -2.26 5.46 2.54
CA GLY A 156 -1.39 6.64 2.42
C GLY A 156 0.07 6.23 2.46
N HIS A 157 0.95 7.19 2.77
CA HIS A 157 2.44 7.02 2.82
C HIS A 157 2.94 7.53 4.16
N PRO A 158 3.14 6.65 5.18
CA PRO A 158 3.50 7.12 6.52
C PRO A 158 4.87 7.79 6.65
N GLU A 159 4.96 8.68 7.63
CA GLU A 159 6.11 9.57 7.91
C GLU A 159 6.79 9.09 9.19
N PRO A 160 8.09 8.75 9.15
CA PRO A 160 8.89 8.47 10.33
C PRO A 160 8.81 9.52 11.47
N GLN A 161 8.96 9.06 12.74
CA GLN A 161 8.59 9.77 14.01
C GLN A 161 7.58 10.88 13.72
N ASP A 173 15.79 -4.95 16.54
CA ASP A 173 14.33 -4.73 16.65
C ASP A 173 14.05 -3.66 17.72
N LEU A 174 15.04 -2.86 18.14
CA LEU A 174 14.87 -1.97 19.33
C LEU A 174 14.49 -0.54 18.93
N ALA A 175 14.85 -0.07 17.74
CA ALA A 175 14.06 0.99 17.04
C ALA A 175 13.02 0.29 16.13
N GLY A 176 13.29 -0.98 15.74
CA GLY A 176 12.48 -1.83 14.84
C GLY A 176 11.02 -1.95 15.27
N GLN A 177 10.76 -2.24 16.55
CA GLN A 177 9.39 -2.53 17.05
C GLN A 177 8.56 -1.23 16.99
N LEU A 178 9.21 -0.08 17.20
CA LEU A 178 8.49 1.22 17.11
C LEU A 178 8.13 1.47 15.64
N VAL A 179 8.99 1.07 14.69
CA VAL A 179 8.70 1.28 13.25
C VAL A 179 7.53 0.36 12.84
N VAL A 180 7.52 -0.90 13.22
CA VAL A 180 6.36 -1.80 12.89
C VAL A 180 5.09 -1.17 13.48
N HIS A 181 5.14 -0.65 14.72
CA HIS A 181 3.98 -0.02 15.39
C HIS A 181 3.47 1.17 14.57
N GLU A 182 4.37 2.03 14.07
N GLU A 182 4.40 1.99 14.08
CA GLU A 182 3.98 3.22 13.26
CA GLU A 182 4.12 3.18 13.23
C GLU A 182 3.34 2.74 11.94
C GLU A 182 3.40 2.76 11.95
N LEU A 183 3.82 1.65 11.33
CA LEU A 183 3.19 1.11 10.08
C LEU A 183 1.73 0.67 10.34
N PHE A 184 1.47 -0.18 11.34
CA PHE A 184 0.12 -0.65 11.69
C PHE A 184 -0.79 0.52 12.12
N SER A 185 -0.27 1.41 12.97
N SER A 185 -0.29 1.45 12.95
CA SER A 185 -0.97 2.64 13.45
CA SER A 185 -1.10 2.59 13.43
C SER A 185 -1.41 3.48 12.25
C SER A 185 -1.40 3.56 12.27
N SER A 186 -0.50 3.68 11.29
CA SER A 186 -0.70 4.58 10.13
C SER A 186 -1.88 4.09 9.27
N VAL A 187 -2.05 2.78 9.04
CA VAL A 187 -3.19 2.35 8.18
C VAL A 187 -4.53 2.65 8.89
N LEU A 188 -4.65 2.49 10.22
CA LEU A 188 -5.87 2.87 10.98
C LEU A 188 -6.08 4.38 10.90
N GLN A 189 -5.00 5.15 11.12
CA GLN A 189 -5.11 6.63 11.09
C GLN A 189 -5.63 7.08 9.72
N GLU A 190 -5.14 6.49 8.62
CA GLU A 190 -5.55 6.84 7.23
C GLU A 190 -7.05 6.51 7.05
N ILE A 191 -7.51 5.39 7.61
CA ILE A 191 -8.96 5.04 7.59
C ILE A 191 -9.77 6.11 8.34
N CYS A 192 -9.41 6.43 9.59
CA CYS A 192 -10.08 7.50 10.39
C CYS A 192 -10.06 8.83 9.63
N ASP A 193 -8.92 9.27 9.10
CA ASP A 193 -8.82 10.59 8.40
C ASP A 193 -9.67 10.66 7.13
N GLU A 194 -9.68 9.63 6.28
CA GLU A 194 -10.33 9.71 4.95
C GLU A 194 -11.78 9.19 5.02
N VAL A 195 -12.08 8.11 5.75
CA VAL A 195 -13.43 7.49 5.75
C VAL A 195 -14.23 8.12 6.90
N ASN A 196 -13.56 8.75 7.86
CA ASN A 196 -14.25 9.48 8.96
C ASN A 196 -14.88 8.48 9.94
N LEU A 197 -14.25 7.32 10.13
CA LEU A 197 -14.71 6.26 11.06
C LEU A 197 -14.06 6.49 12.42
N PRO A 198 -14.80 6.19 13.52
CA PRO A 198 -14.19 6.15 14.85
C PRO A 198 -13.19 5.00 14.92
N LEU A 199 -12.06 5.25 15.57
CA LEU A 199 -10.94 4.28 15.74
C LEU A 199 -11.46 3.03 16.44
N LEU A 200 -12.41 3.17 17.40
CA LEU A 200 -12.91 2.03 18.20
C LEU A 200 -13.83 1.11 17.38
N THR A 201 -14.19 1.46 16.15
CA THR A 201 -14.97 0.54 15.27
C THR A 201 -14.02 -0.35 14.43
N LEU A 202 -12.69 -0.18 14.54
CA LEU A 202 -11.68 -0.89 13.69
C LEU A 202 -10.94 -2.00 14.47
N SER A 203 -10.76 -3.17 13.85
CA SER A 203 -9.94 -4.30 14.34
C SER A 203 -8.45 -3.92 14.27
N GLN A 204 -7.58 -4.60 15.04
CA GLN A 204 -6.12 -4.50 14.79
C GLN A 204 -5.88 -5.05 13.38
N PRO A 205 -5.05 -4.35 12.57
CA PRO A 205 -4.77 -4.83 11.21
C PRO A 205 -3.98 -6.16 11.14
N LEU A 206 -4.21 -6.91 10.07
CA LEU A 206 -3.35 -8.06 9.67
C LEU A 206 -2.63 -7.68 8.38
N LEU A 207 -1.32 -7.89 8.32
CA LEU A 207 -0.55 -7.71 7.04
C LEU A 207 -0.87 -8.87 6.08
N LEU A 208 -1.45 -8.56 4.91
CA LEU A 208 -1.70 -9.59 3.86
C LEU A 208 -0.47 -9.85 2.98
N GLY A 209 0.33 -8.80 2.67
CA GLY A 209 1.47 -8.94 1.77
C GLY A 209 1.99 -7.59 1.34
N ILE A 210 2.88 -7.60 0.35
CA ILE A 210 3.47 -6.37 -0.25
C ILE A 210 3.32 -6.48 -1.76
N ALA A 211 2.89 -5.38 -2.39
CA ALA A 211 2.64 -5.30 -3.84
C ALA A 211 3.46 -4.13 -4.38
N ARG A 212 3.98 -4.27 -5.62
CA ARG A 212 4.76 -3.22 -6.33
C ARG A 212 3.92 -2.61 -7.47
N ASN A 213 3.97 -1.29 -7.63
CA ASN A 213 3.32 -0.49 -8.71
C ASN A 213 4.34 -0.30 -9.83
N GLU A 214 4.28 -1.09 -10.89
CA GLU A 214 5.25 -1.02 -12.02
C GLU A 214 5.00 0.23 -12.90
N THR A 215 3.86 0.90 -12.74
CA THR A 215 3.57 2.18 -13.46
C THR A 215 4.25 3.35 -12.72
N SER A 216 4.66 3.14 -11.47
CA SER A 216 5.44 4.11 -10.65
C SER A 216 6.86 3.57 -10.36
N ALA A 217 7.48 2.90 -11.35
CA ALA A 217 8.89 2.42 -11.35
C ALA A 217 9.13 1.44 -10.21
N GLY A 218 8.09 0.74 -9.73
CA GLY A 218 8.27 -0.39 -8.80
C GLY A 218 8.14 -0.09 -7.31
N ARG A 219 7.65 1.10 -6.92
CA ARG A 219 7.50 1.46 -5.48
C ARG A 219 6.42 0.56 -4.85
N ALA A 220 6.66 0.11 -3.62
CA ALA A 220 5.87 -0.96 -2.97
C ALA A 220 4.88 -0.36 -1.97
N SER A 221 3.81 -1.09 -1.72
CA SER A 221 2.83 -0.80 -0.67
C SER A 221 2.59 -2.06 0.14
N ALA A 222 2.60 -1.91 1.46
CA ALA A 222 2.11 -2.93 2.43
C ALA A 222 0.58 -2.93 2.43
N GLU A 223 -0.06 -4.07 2.17
CA GLU A 223 -1.52 -4.21 2.03
C GLU A 223 -2.05 -4.97 3.25
N PHE A 224 -3.01 -4.37 3.99
CA PHE A 224 -3.54 -4.89 5.27
C PHE A 224 -5.02 -5.27 5.14
N TYR A 225 -5.50 -6.15 6.02
CA TYR A 225 -6.93 -6.49 6.21
C TYR A 225 -7.38 -5.82 7.51
N VAL A 226 -8.46 -5.03 7.46
CA VAL A 226 -9.07 -4.39 8.65
C VAL A 226 -10.58 -4.65 8.61
N GLN A 227 -11.13 -5.07 9.74
N GLN A 227 -11.13 -5.13 9.73
CA GLN A 227 -12.58 -5.32 9.91
CA GLN A 227 -12.59 -5.32 9.91
C GLN A 227 -13.21 -4.16 10.69
C GLN A 227 -13.16 -4.08 10.63
N CYS A 228 -14.36 -3.66 10.21
CA CYS A 228 -15.13 -2.57 10.86
C CYS A 228 -16.39 -3.16 11.49
N SER A 229 -16.79 -2.69 12.67
CA SER A 229 -18.01 -3.20 13.34
C SER A 229 -19.28 -2.51 12.79
N LEU A 230 -19.14 -1.48 11.96
CA LEU A 230 -20.27 -0.78 11.30
C LEU A 230 -20.68 -1.49 9.99
N THR A 231 -21.95 -1.38 9.63
CA THR A 231 -22.51 -1.81 8.32
C THR A 231 -22.09 -0.84 7.21
N SER A 232 -22.19 -1.26 5.96
CA SER A 232 -21.93 -0.41 4.78
C SER A 232 -22.75 0.89 4.89
N GLU A 233 -24.03 0.81 5.29
CA GLU A 233 -24.89 2.04 5.36
C GLU A 233 -24.32 2.99 6.43
N GLN A 234 -23.90 2.47 7.57
CA GLN A 234 -23.31 3.30 8.65
C GLN A 234 -21.97 3.91 8.17
N VAL A 235 -21.13 3.15 7.46
CA VAL A 235 -19.80 3.63 6.98
C VAL A 235 -20.03 4.82 6.02
N ARG A 236 -20.97 4.67 5.09
CA ARG A 236 -21.37 5.72 4.11
C ARG A 236 -21.80 7.00 4.84
N LYS A 237 -22.64 6.86 5.87
CA LYS A 237 -23.16 8.03 6.64
C LYS A 237 -21.96 8.78 7.23
N HIS A 238 -21.02 8.05 7.87
CA HIS A 238 -19.84 8.64 8.52
C HIS A 238 -18.99 9.38 7.47
N TYR A 239 -18.65 8.74 6.35
CA TYR A 239 -17.87 9.34 5.24
C TYR A 239 -18.55 10.64 4.80
N LEU A 240 -19.84 10.58 4.48
CA LEU A 240 -20.56 11.74 3.86
C LEU A 240 -20.72 12.87 4.87
N SER A 241 -20.90 12.56 6.16
CA SER A 241 -21.21 13.56 7.22
C SER A 241 -19.98 14.43 7.48
N GLY A 242 -18.81 14.08 6.93
CA GLY A 242 -17.62 14.93 7.00
C GLY A 242 -17.70 16.14 6.07
N GLY A 243 -18.45 16.02 4.97
CA GLY A 243 -18.56 17.10 3.95
C GLY A 243 -17.41 17.00 2.95
N PRO A 244 -17.47 17.73 1.81
CA PRO A 244 -16.42 17.68 0.79
C PRO A 244 -14.98 17.94 1.27
N GLU A 245 -14.79 18.77 2.30
CA GLU A 245 -13.45 19.16 2.83
C GLU A 245 -12.86 18.08 3.77
N ALA A 246 -13.63 17.11 4.23
CA ALA A 246 -13.14 16.09 5.19
C ALA A 246 -12.47 14.92 4.44
N HIS A 247 -12.50 14.87 3.11
CA HIS A 247 -11.83 13.76 2.36
C HIS A 247 -11.19 14.25 1.04
N GLU A 248 -10.15 13.54 0.58
CA GLU A 248 -9.44 13.82 -0.70
C GLU A 248 -10.19 13.13 -1.86
N SER A 249 -10.82 12.00 -1.56
CA SER A 249 -11.65 11.25 -2.55
C SER A 249 -12.92 12.04 -2.89
N THR A 250 -13.60 11.69 -3.99
CA THR A 250 -14.84 12.38 -4.44
C THR A 250 -16.08 11.50 -4.23
N GLY A 251 -15.92 10.25 -3.80
CA GLY A 251 -17.05 9.34 -3.54
C GLY A 251 -16.60 8.08 -2.83
N ILE A 252 -17.56 7.36 -2.22
CA ILE A 252 -17.36 6.03 -1.57
C ILE A 252 -18.33 5.04 -2.19
N PHE A 253 -17.96 3.75 -2.25
CA PHE A 253 -18.90 2.69 -2.70
C PHE A 253 -18.44 1.34 -2.15
N PHE A 254 -19.28 0.32 -2.28
CA PHE A 254 -19.09 -0.97 -1.56
C PHE A 254 -19.32 -2.13 -2.53
N VAL A 255 -18.53 -3.20 -2.46
CA VAL A 255 -18.72 -4.46 -3.24
C VAL A 255 -18.81 -5.62 -2.24
N GLU A 256 -19.82 -6.48 -2.38
CA GLU A 256 -19.96 -7.66 -1.51
C GLU A 256 -18.65 -8.47 -1.60
N THR A 257 -18.15 -9.01 -0.48
CA THR A 257 -16.97 -9.89 -0.48
C THR A 257 -17.22 -11.09 -1.39
N GLN A 258 -18.47 -11.58 -1.48
CA GLN A 258 -18.86 -12.63 -2.46
C GLN A 258 -18.35 -12.28 -3.86
N ASN A 259 -18.52 -11.02 -4.26
CA ASN A 259 -18.29 -10.55 -5.65
C ASN A 259 -16.83 -10.09 -5.87
N VAL A 260 -16.06 -9.87 -4.79
CA VAL A 260 -14.62 -9.46 -4.90
C VAL A 260 -13.80 -10.59 -5.50
N ARG A 261 -14.18 -11.84 -5.21
CA ARG A 261 -13.58 -13.05 -5.80
C ARG A 261 -13.40 -12.90 -7.33
N ARG A 262 -14.39 -12.40 -8.08
CA ARG A 262 -14.30 -12.34 -9.56
C ARG A 262 -14.11 -10.90 -10.07
N LEU A 263 -13.70 -9.97 -9.21
CA LEU A 263 -13.50 -8.56 -9.64
C LEU A 263 -12.56 -8.46 -10.86
N PRO A 264 -11.47 -9.24 -10.97
CA PRO A 264 -10.58 -9.09 -12.13
C PRO A 264 -11.27 -9.42 -13.48
N GLU A 265 -12.46 -10.01 -13.46
CA GLU A 265 -13.25 -10.34 -14.68
C GLU A 265 -14.31 -9.27 -14.98
N THR A 266 -14.40 -8.21 -14.17
CA THR A 266 -15.44 -7.15 -14.28
C THR A 266 -14.87 -5.93 -15.00
N GLU A 267 -15.74 -5.04 -15.47
CA GLU A 267 -15.33 -3.72 -16.04
C GLU A 267 -14.72 -2.81 -14.97
N MET A 268 -14.98 -3.07 -13.68
CA MET A 268 -14.38 -2.25 -12.58
C MET A 268 -12.83 -2.40 -12.64
N TRP A 269 -12.33 -3.58 -13.00
CA TRP A 269 -10.88 -3.90 -12.87
C TRP A 269 -10.05 -2.86 -13.63
N ALA A 270 -10.50 -2.41 -14.80
CA ALA A 270 -9.78 -1.43 -15.65
C ALA A 270 -9.75 -0.04 -15.00
N GLU A 271 -10.63 0.23 -14.02
CA GLU A 271 -10.68 1.53 -13.34
C GLU A 271 -9.91 1.51 -12.01
N LEU A 272 -9.40 0.35 -11.56
CA LEU A 272 -8.65 0.27 -10.26
C LEU A 272 -7.20 0.74 -10.45
N CYS A 273 -6.71 1.63 -9.60
CA CYS A 273 -5.28 2.01 -9.59
C CYS A 273 -4.45 0.80 -9.17
N PRO A 274 -3.17 0.72 -9.60
CA PRO A 274 -2.33 -0.45 -9.32
C PRO A 274 -2.24 -0.91 -7.86
N SER A 275 -2.13 0.03 -6.92
CA SER A 275 -1.99 -0.32 -5.49
C SER A 275 -3.30 -0.89 -4.94
N ALA A 276 -4.46 -0.41 -5.43
CA ALA A 276 -5.77 -1.04 -5.07
C ALA A 276 -5.87 -2.45 -5.70
N LYS A 277 -5.41 -2.64 -6.93
CA LYS A 277 -5.37 -4.02 -7.52
C LYS A 277 -4.55 -4.95 -6.62
N GLY A 278 -3.41 -4.49 -6.12
CA GLY A 278 -2.56 -5.26 -5.19
C GLY A 278 -3.31 -5.67 -3.92
N ALA A 279 -3.99 -4.72 -3.26
CA ALA A 279 -4.85 -4.99 -2.08
C ALA A 279 -5.89 -6.09 -2.40
N ILE A 280 -6.59 -6.01 -3.53
CA ILE A 280 -7.68 -6.99 -3.85
C ILE A 280 -7.10 -8.36 -4.20
N ILE A 281 -6.03 -8.45 -4.99
CA ILE A 281 -5.34 -9.75 -5.27
C ILE A 281 -4.91 -10.40 -3.95
N LEU A 282 -4.27 -9.65 -3.05
CA LEU A 282 -3.79 -10.25 -1.76
C LEU A 282 -5.00 -10.66 -0.90
N TYR A 283 -6.08 -9.86 -0.83
CA TYR A 283 -7.29 -10.19 -0.07
C TYR A 283 -7.81 -11.54 -0.59
N ASN A 284 -7.91 -11.68 -1.91
CA ASN A 284 -8.46 -12.92 -2.53
C ASN A 284 -7.54 -14.13 -2.22
N ARG A 285 -6.22 -13.96 -2.16
CA ARG A 285 -5.28 -15.10 -1.99
C ARG A 285 -5.17 -15.50 -0.52
N VAL A 286 -5.18 -14.52 0.37
CA VAL A 286 -4.82 -14.69 1.80
C VAL A 286 -6.05 -14.81 2.70
N GLN A 287 -7.08 -13.95 2.54
CA GLN A 287 -8.33 -14.06 3.33
C GLN A 287 -9.37 -14.94 2.59
N GLY A 288 -9.56 -14.79 1.28
CA GLY A 288 -10.39 -15.72 0.49
C GLY A 288 -9.64 -17.03 0.28
N SER A 289 -9.99 -17.82 -0.75
CA SER A 289 -9.32 -19.09 -1.12
C SER A 289 -9.23 -20.00 0.10
N PRO A 290 -10.36 -20.60 0.56
CA PRO A 290 -10.34 -21.46 1.74
C PRO A 290 -9.52 -22.75 1.51
N THR A 291 -8.97 -23.32 2.60
CA THR A 291 -8.05 -24.49 2.55
C THR A 291 -8.75 -25.75 3.08
N GLY A 292 -9.83 -25.63 3.88
CA GLY A 292 -10.43 -26.76 4.62
C GLY A 292 -11.68 -27.30 3.93
N ALA A 293 -12.19 -28.45 4.41
CA ALA A 293 -13.31 -29.23 3.80
C ALA A 293 -14.64 -28.45 3.86
N ALA A 294 -14.98 -27.83 4.99
CA ALA A 294 -16.21 -27.02 5.20
C ALA A 294 -16.31 -25.87 4.18
N LEU A 295 -15.41 -24.86 4.24
CA LEU A 295 -15.50 -23.64 3.37
C LEU A 295 -15.18 -24.00 1.91
N GLY A 296 -14.49 -25.12 1.69
CA GLY A 296 -14.07 -25.66 0.37
C GLY A 296 -15.18 -26.42 -0.35
N SER A 297 -16.25 -26.84 0.35
CA SER A 297 -17.42 -27.58 -0.19
C SER A 297 -18.10 -26.81 -1.35
N PRO A 298 -18.54 -27.46 -2.46
CA PRO A 298 -19.11 -26.74 -3.61
C PRO A 298 -20.22 -25.68 -3.35
N ALA A 299 -21.13 -25.91 -2.40
CA ALA A 299 -22.23 -24.95 -2.10
C ALA A 299 -21.66 -23.64 -1.51
N LEU A 300 -20.54 -23.70 -0.75
CA LEU A 300 -19.92 -22.49 -0.13
C LEU A 300 -18.83 -21.92 -1.05
N LEU A 301 -18.19 -22.74 -1.89
CA LEU A 301 -17.17 -22.28 -2.88
C LEU A 301 -17.62 -22.69 -4.29
N PRO A 302 -18.54 -21.92 -4.90
CA PRO A 302 -19.10 -22.29 -6.21
C PRO A 302 -18.00 -22.39 -7.27
N PRO A 303 -17.93 -23.50 -8.05
CA PRO A 303 -16.97 -23.62 -9.17
C PRO A 303 -17.14 -22.55 -10.26
N LEU A 304 -16.04 -21.93 -10.68
CA LEU A 304 -15.90 -21.12 -11.93
C LEU A 304 -15.82 -19.62 -11.59
#